data_7IEW
#
_entry.id   7IEW
#
_cell.length_a   45.410
_cell.length_b   73.480
_cell.length_c   52.680
_cell.angle_alpha   90.00
_cell.angle_beta   109.53
_cell.angle_gamma   90.00
#
_symmetry.space_group_name_H-M   'P 1 21 1'
#
loop_
_entity.id
_entity.type
_entity.pdbx_description
1 polymer Endothiapepsin
2 non-polymer 1-(quinolin-3-yl)methanamine
3 water water
#
_entity_poly.entity_id   1
_entity_poly.type   'polypeptide(L)'
_entity_poly.pdbx_seq_one_letter_code
;STGSATTTPIDSLDDAYITPVQIGTPAQTLNLDFDTGSSDLWVFSSETTASEVDGQTIYTPSKSTTAKLLSGATWSISYG
DGSSSSGDVYTDTVSVGGLTVTGQAVESAKKVSSSFTEDSTIDGLLGLAFSTLNTVSPTQQKTFFDNAKASLDSPVFTAD
LGYHAPGTYNFGFIDTTAYTGSITYTAVSTKQGFWEWTSTGYAVGSGTFKSTSIDGIADTGTTLLYLPATVVSAYWAQVS
GAKSSSSVGGYVFPCSATLPSFTFGVGSARIVIPGDYIDFGPISTGSSSCFGGIQSSAGIGINIFGDVALKAAFVVFNGA
TTPTLGFASK
;
_entity_poly.pdbx_strand_id   A
#
loop_
_chem_comp.id
_chem_comp.type
_chem_comp.name
_chem_comp.formula
WQY non-polymer 1-(quinolin-3-yl)methanamine 'C10 H10 N2'
#
# COMPACT_ATOMS: atom_id res chain seq x y z
N SER A 1 -16.36 14.69 -12.39
CA SER A 1 -15.38 15.28 -11.44
C SER A 1 -14.06 14.55 -11.53
N THR A 2 -13.03 15.17 -11.00
CA THR A 2 -11.68 14.52 -10.85
C THR A 2 -11.08 14.97 -9.53
N GLY A 3 -10.04 14.27 -9.09
CA GLY A 3 -9.16 14.75 -8.02
C GLY A 3 -7.72 14.39 -8.33
N SER A 4 -6.80 15.12 -7.76
CA SER A 4 -5.35 14.91 -7.95
C SER A 4 -4.60 15.29 -6.70
N ALA A 5 -3.87 14.38 -6.06
CA ALA A 5 -3.17 14.68 -4.80
C ALA A 5 -1.76 14.12 -4.92
N THR A 6 -0.80 14.84 -4.34
CA THR A 6 0.57 14.39 -4.26
C THR A 6 0.72 13.37 -3.13
N THR A 7 1.51 12.30 -3.37
CA THR A 7 1.87 11.28 -2.38
C THR A 7 3.37 11.33 -2.11
N THR A 8 3.73 11.25 -0.84
CA THR A 8 5.12 11.56 -0.42
C THR A 8 5.66 10.40 0.37
N PRO A 9 6.89 9.91 0.09
N PRO A 9 6.89 9.90 0.07
N PRO A 9 6.89 9.91 0.09
N PRO A 9 6.89 9.90 0.07
CA PRO A 9 7.45 8.84 0.90
CA PRO A 9 7.49 8.87 0.91
CA PRO A 9 7.45 8.84 0.90
CA PRO A 9 7.49 8.87 0.91
C PRO A 9 7.62 9.31 2.36
C PRO A 9 7.60 9.33 2.37
C PRO A 9 7.62 9.31 2.36
C PRO A 9 7.60 9.33 2.37
N ILE A 10 7.38 8.40 3.30
CA ILE A 10 7.45 8.73 4.74
C ILE A 10 8.90 8.80 5.23
N ASP A 11 9.85 8.24 4.52
CA ASP A 11 11.26 8.16 4.97
C ASP A 11 12.13 7.96 3.75
N SER A 12 13.45 7.87 3.98
CA SER A 12 14.49 7.86 2.93
C SER A 12 14.50 6.52 2.17
N LEU A 13 13.78 5.52 2.66
CA LEU A 13 13.72 4.17 2.02
C LEU A 13 12.44 3.97 1.23
N ASP A 14 11.52 4.93 1.21
CA ASP A 14 10.19 4.73 0.60
C ASP A 14 9.47 3.57 1.32
N ASP A 15 9.50 3.51 2.64
CA ASP A 15 8.83 2.41 3.36
C ASP A 15 7.31 2.46 3.18
N ALA A 16 6.77 3.63 2.92
CA ALA A 16 5.35 3.85 2.61
C ALA A 16 5.21 5.25 2.10
N TYR A 17 4.02 5.59 1.65
CA TYR A 17 3.68 6.89 1.05
C TYR A 17 2.44 7.45 1.75
N ILE A 18 2.46 8.73 2.04
CA ILE A 18 1.31 9.44 2.65
C ILE A 18 0.75 10.48 1.70
N THR A 19 -0.58 10.64 1.76
CA THR A 19 -1.33 11.54 0.89
C THR A 19 -2.27 12.34 1.79
N PRO A 20 -2.29 13.67 1.70
CA PRO A 20 -3.17 14.44 2.56
C PRO A 20 -4.64 14.27 2.13
N VAL A 21 -5.51 14.13 3.15
CA VAL A 21 -6.94 13.89 2.98
C VAL A 21 -7.68 14.83 3.92
N GLN A 22 -8.66 15.55 3.38
CA GLN A 22 -9.52 16.49 4.17
C GLN A 22 -10.75 15.71 4.69
N ILE A 23 -10.96 15.77 5.99
CA ILE A 23 -12.10 15.04 6.62
C ILE A 23 -12.89 16.05 7.44
N GLY A 24 -14.19 16.14 7.22
CA GLY A 24 -15.03 16.95 8.13
C GLY A 24 -15.21 18.37 7.70
N THR A 25 -15.96 19.10 8.55
CA THR A 25 -16.31 20.52 8.34
C THR A 25 -16.17 21.29 9.64
N PRO A 26 -15.26 22.25 9.79
CA PRO A 26 -14.21 22.60 8.82
C PRO A 26 -13.26 21.41 8.63
N ALA A 27 -12.51 21.46 7.54
CA ALA A 27 -11.61 20.36 7.16
C ALA A 27 -10.63 20.09 8.29
N GLN A 28 -10.40 18.80 8.54
CA GLN A 28 -9.27 18.31 9.33
C GLN A 28 -8.41 17.51 8.37
N THR A 29 -7.16 17.91 8.16
CA THR A 29 -6.28 17.27 7.15
C THR A 29 -5.44 16.24 7.88
N LEU A 30 -5.58 14.99 7.44
CA LEU A 30 -4.78 13.86 7.95
C LEU A 30 -3.98 13.26 6.77
N ASN A 31 -2.81 12.75 7.05
CA ASN A 31 -1.93 12.13 6.05
C ASN A 31 -2.14 10.63 6.09
N LEU A 32 -2.79 10.09 5.05
N LEU A 32 -2.79 10.09 5.05
N LEU A 32 -2.79 10.09 5.05
N LEU A 32 -2.79 10.09 5.05
CA LEU A 32 -3.23 8.67 5.04
CA LEU A 32 -3.23 8.67 5.04
CA LEU A 32 -3.23 8.68 5.03
CA LEU A 32 -3.23 8.68 5.03
C LEU A 32 -2.38 7.85 4.07
C LEU A 32 -2.38 7.85 4.07
C LEU A 32 -2.41 7.87 4.04
C LEU A 32 -2.41 7.87 4.04
N ASP A 33 -2.15 6.59 4.42
N ASP A 33 -2.15 6.59 4.42
N ASP A 33 -2.28 6.58 4.32
N ASP A 33 -2.28 6.58 4.32
CA ASP A 33 -1.52 5.57 3.56
CA ASP A 33 -1.52 5.57 3.56
CA ASP A 33 -1.58 5.58 3.49
CA ASP A 33 -1.58 5.58 3.49
C ASP A 33 -2.58 4.98 2.63
C ASP A 33 -2.58 4.98 2.63
C ASP A 33 -2.62 4.99 2.52
C ASP A 33 -2.62 4.99 2.52
N PHE A 34 -2.52 5.32 1.36
N PHE A 34 -2.52 5.32 1.36
N PHE A 34 -2.63 5.45 1.28
N PHE A 34 -2.63 5.45 1.28
CA PHE A 34 -3.47 4.79 0.34
CA PHE A 34 -3.47 4.79 0.34
CA PHE A 34 -3.54 4.92 0.24
CA PHE A 34 -3.54 4.92 0.24
C PHE A 34 -3.08 3.36 0.01
C PHE A 34 -3.08 3.36 0.01
C PHE A 34 -3.12 3.47 -0.05
C PHE A 34 -3.12 3.47 -0.05
N ASP A 35 -4.01 2.43 0.22
N ASP A 35 -4.01 2.43 0.22
N ASP A 35 -4.05 2.56 0.13
N ASP A 35 -4.05 2.56 0.13
CA ASP A 35 -3.73 0.99 0.29
CA ASP A 35 -3.73 0.99 0.29
CA ASP A 35 -3.74 1.11 0.23
CA ASP A 35 -3.74 1.11 0.23
C ASP A 35 -4.65 0.25 -0.68
C ASP A 35 -4.65 0.25 -0.68
C ASP A 35 -4.64 0.34 -0.73
C ASP A 35 -4.64 0.34 -0.73
N THR A 36 -4.18 -0.09 -1.90
N THR A 36 -4.18 -0.09 -1.90
N THR A 36 -4.13 -0.05 -1.89
N THR A 36 -4.13 -0.05 -1.89
CA THR A 36 -4.99 -0.85 -2.88
CA THR A 36 -4.99 -0.85 -2.88
CA THR A 36 -4.92 -0.80 -2.90
CA THR A 36 -4.92 -0.80 -2.90
C THR A 36 -5.08 -2.32 -2.47
C THR A 36 -5.08 -2.32 -2.47
C THR A 36 -5.04 -2.28 -2.50
C THR A 36 -5.04 -2.28 -2.50
N GLY A 37 -4.51 -2.70 -1.34
CA GLY A 37 -4.65 -4.05 -0.81
C GLY A 37 -5.64 -4.17 0.35
N SER A 38 -6.36 -3.12 0.72
CA SER A 38 -7.42 -3.22 1.77
C SER A 38 -8.52 -2.24 1.46
N SER A 39 -9.59 -2.27 2.26
CA SER A 39 -10.84 -1.60 1.85
C SER A 39 -11.48 -0.80 2.98
N ASP A 40 -10.71 -0.42 3.99
CA ASP A 40 -11.19 0.38 5.14
C ASP A 40 -10.49 1.73 5.10
N LEU A 41 -11.24 2.80 5.29
CA LEU A 41 -10.67 4.14 5.54
C LEU A 41 -10.74 4.35 7.05
N TRP A 42 -9.62 4.20 7.74
CA TRP A 42 -9.58 4.35 9.21
C TRP A 42 -8.54 5.38 9.60
N VAL A 43 -8.77 6.06 10.71
CA VAL A 43 -7.93 7.19 11.18
C VAL A 43 -7.69 7.11 12.67
N PHE A 44 -6.51 7.51 13.07
CA PHE A 44 -6.26 7.95 14.45
C PHE A 44 -7.26 9.04 14.80
N SER A 45 -7.73 9.03 16.04
CA SER A 45 -8.85 9.91 16.39
C SER A 45 -8.76 10.34 17.86
N SER A 46 -9.70 11.20 18.21
CA SER A 46 -9.93 11.61 19.62
C SER A 46 -10.41 10.42 20.46
N GLU A 47 -10.78 9.30 19.86
CA GLU A 47 -11.22 8.07 20.57
C GLU A 47 -10.06 7.09 20.73
N THR A 48 -8.93 7.29 20.09
CA THR A 48 -7.80 6.33 20.16
C THR A 48 -7.25 6.33 21.60
N THR A 49 -7.04 5.12 22.16
CA THR A 49 -6.33 4.92 23.44
C THR A 49 -5.12 5.85 23.49
N ALA A 50 -5.02 6.71 24.51
CA ALA A 50 -4.07 7.82 24.54
C ALA A 50 -2.63 7.25 24.46
N SER A 51 -2.34 6.16 25.16
CA SER A 51 -0.99 5.55 25.18
C SER A 51 -0.59 5.00 23.80
N GLU A 52 -1.55 4.85 22.88
CA GLU A 52 -1.30 4.31 21.52
C GLU A 52 -1.16 5.43 20.50
N VAL A 53 -1.22 6.66 20.91
CA VAL A 53 -0.97 7.82 20.00
C VAL A 53 0.41 8.37 20.31
N ASP A 54 1.28 8.51 19.31
CA ASP A 54 2.64 9.07 19.51
C ASP A 54 2.98 9.96 18.32
N GLY A 55 2.39 11.13 18.25
CA GLY A 55 2.77 12.12 17.22
C GLY A 55 1.82 12.20 16.02
N GLN A 56 0.90 11.25 15.87
CA GLN A 56 -0.06 11.30 14.72
C GLN A 56 -1.00 12.48 14.88
N THR A 57 -1.49 12.96 13.76
CA THR A 57 -2.62 13.89 13.73
C THR A 57 -3.90 13.08 13.91
N ILE A 58 -4.83 13.57 14.72
CA ILE A 58 -6.09 12.84 15.03
C ILE A 58 -7.28 13.57 14.42
N TYR A 59 -8.25 12.75 14.02
CA TYR A 59 -9.59 13.22 13.64
C TYR A 59 -10.44 13.33 14.91
N THR A 60 -11.07 14.48 15.07
CA THR A 60 -11.99 14.71 16.24
C THR A 60 -13.40 14.91 15.71
N PRO A 61 -14.25 13.86 15.68
CA PRO A 61 -15.55 14.02 15.05
C PRO A 61 -16.44 15.07 15.72
N SER A 62 -16.26 15.27 17.03
CA SER A 62 -17.11 16.23 17.77
C SER A 62 -16.86 17.65 17.24
N LYS A 63 -15.74 17.90 16.55
CA LYS A 63 -15.42 19.22 15.97
C LYS A 63 -15.87 19.37 14.53
N SER A 64 -16.48 18.34 13.95
CA SER A 64 -16.98 18.39 12.56
C SER A 64 -18.50 18.50 12.56
N THR A 65 -19.01 19.53 11.92
CA THR A 65 -20.46 19.78 11.89
C THR A 65 -21.14 18.80 10.96
N THR A 66 -20.40 18.05 10.13
CA THR A 66 -20.99 17.11 9.16
C THR A 66 -20.81 15.66 9.66
N ALA A 67 -20.10 15.45 10.75
CA ALA A 67 -19.88 14.05 11.24
C ALA A 67 -21.17 13.51 11.86
N LYS A 68 -21.48 12.26 11.58
N LYS A 68 -21.48 12.27 11.58
N LYS A 68 -21.48 12.26 11.58
N LYS A 68 -21.48 12.27 11.58
CA LYS A 68 -22.63 11.53 12.19
CA LYS A 68 -22.62 11.56 12.23
CA LYS A 68 -22.63 11.53 12.19
CA LYS A 68 -22.62 11.56 12.23
C LYS A 68 -22.12 10.16 12.66
C LYS A 68 -22.12 10.17 12.66
C LYS A 68 -22.12 10.16 12.66
C LYS A 68 -22.12 10.17 12.66
N LEU A 69 -22.41 9.77 13.90
CA LEU A 69 -22.11 8.41 14.37
C LEU A 69 -22.91 7.46 13.48
N LEU A 70 -22.29 6.42 12.96
CA LEU A 70 -23.00 5.32 12.26
C LEU A 70 -23.36 4.33 13.38
N SER A 71 -24.64 4.39 13.80
N SER A 71 -24.61 4.41 13.83
N SER A 71 -24.64 4.39 13.80
N SER A 71 -24.61 4.41 13.83
CA SER A 71 -25.06 3.73 15.06
CA SER A 71 -25.07 3.76 15.08
CA SER A 71 -25.06 3.73 15.06
CA SER A 71 -25.07 3.76 15.08
C SER A 71 -24.85 2.22 14.98
C SER A 71 -24.91 2.24 15.02
C SER A 71 -24.85 2.22 14.98
C SER A 71 -24.91 2.24 15.02
N GLY A 72 -24.17 1.68 15.98
CA GLY A 72 -23.97 0.24 16.10
C GLY A 72 -22.86 -0.33 15.26
N ALA A 73 -22.24 0.49 14.41
CA ALA A 73 -21.20 -0.05 13.50
C ALA A 73 -19.83 -0.10 14.19
N THR A 74 -19.16 -1.22 14.00
CA THR A 74 -17.77 -1.40 14.48
C THR A 74 -16.94 -1.96 13.34
N TRP A 75 -15.63 -1.93 13.57
CA TRP A 75 -14.67 -2.44 12.56
C TRP A 75 -13.46 -3.00 13.30
N SER A 76 -12.80 -3.90 12.61
CA SER A 76 -11.59 -4.56 13.16
C SER A 76 -10.86 -5.22 12.02
N ILE A 77 -9.58 -4.86 11.87
CA ILE A 77 -8.80 -5.35 10.71
C ILE A 77 -7.45 -5.85 11.19
N SER A 78 -6.96 -6.90 10.53
N SER A 78 -6.96 -6.90 10.53
N SER A 78 -6.97 -6.89 10.51
N SER A 78 -6.97 -6.89 10.51
CA SER A 78 -5.56 -7.38 10.65
CA SER A 78 -5.56 -7.38 10.65
CA SER A 78 -5.69 -7.61 10.79
CA SER A 78 -5.69 -7.61 10.79
C SER A 78 -4.91 -7.30 9.27
C SER A 78 -4.91 -7.30 9.27
C SER A 78 -4.97 -7.80 9.46
C SER A 78 -4.97 -7.80 9.46
N TYR A 79 -3.65 -6.89 9.22
N TYR A 79 -3.65 -6.89 9.22
N TYR A 79 -3.78 -7.21 9.32
N TYR A 79 -3.78 -7.21 9.32
CA TYR A 79 -2.91 -6.80 7.95
CA TYR A 79 -2.91 -6.80 7.95
CA TYR A 79 -2.93 -7.20 8.09
CA TYR A 79 -2.93 -7.20 8.09
C TYR A 79 -1.90 -7.95 7.86
C TYR A 79 -1.90 -7.95 7.86
C TYR A 79 -1.78 -8.22 8.20
C TYR A 79 -1.78 -8.22 8.20
N GLY A 80 -1.42 -8.22 6.65
N GLY A 80 -1.42 -8.22 6.65
N GLY A 80 -1.11 -8.50 7.08
N GLY A 80 -1.11 -8.50 7.08
CA GLY A 80 -0.46 -9.29 6.33
CA GLY A 80 -0.46 -9.29 6.33
CA GLY A 80 -0.15 -9.61 6.89
CA GLY A 80 -0.15 -9.61 6.89
C GLY A 80 0.83 -9.18 7.15
C GLY A 80 0.83 -9.18 7.15
C GLY A 80 1.07 -9.54 7.80
C GLY A 80 1.07 -9.54 7.80
N ASP A 81 1.20 -7.98 7.61
N ASP A 81 1.20 -7.98 7.61
N ASP A 81 1.55 -8.33 8.10
N ASP A 81 1.55 -8.33 8.10
CA ASP A 81 2.42 -7.72 8.41
CA ASP A 81 2.42 -7.72 8.41
CA ASP A 81 2.78 -8.09 8.90
CA ASP A 81 2.78 -8.09 8.90
C ASP A 81 2.14 -7.95 9.91
C ASP A 81 2.14 -7.95 9.91
C ASP A 81 2.52 -8.36 10.40
C ASP A 81 2.52 -8.36 10.40
N GLY A 82 0.95 -8.44 10.26
N GLY A 82 0.95 -8.44 10.26
N GLY A 82 1.25 -8.51 10.81
N GLY A 82 1.25 -8.51 10.81
CA GLY A 82 0.59 -8.76 11.65
CA GLY A 82 0.59 -8.76 11.65
CA GLY A 82 0.88 -8.77 12.22
CA GLY A 82 0.88 -8.77 12.22
C GLY A 82 0.06 -7.56 12.42
C GLY A 82 0.06 -7.56 12.42
C GLY A 82 0.34 -7.53 12.90
C GLY A 82 0.34 -7.52 12.90
N SER A 83 0.03 -6.37 11.81
N SER A 83 0.03 -6.37 11.81
N SER A 83 0.14 -6.44 12.16
N SER A 83 0.14 -6.44 12.16
CA SER A 83 -0.50 -5.13 12.47
CA SER A 83 -0.50 -5.13 12.47
CA SER A 83 -0.47 -5.19 12.67
CA SER A 83 -0.47 -5.19 12.67
C SER A 83 -2.03 -5.19 12.46
C SER A 83 -2.03 -5.19 12.46
C SER A 83 -2.00 -5.28 12.62
C SER A 83 -2.00 -5.28 12.62
N SER A 84 -2.67 -4.38 13.30
N SER A 84 -2.67 -4.38 13.30
N SER A 84 -2.67 -4.41 13.38
N SER A 84 -2.67 -4.41 13.38
CA SER A 84 -4.15 -4.38 13.47
CA SER A 84 -4.15 -4.38 13.47
CA SER A 84 -4.15 -4.40 13.50
CA SER A 84 -4.15 -4.40 13.50
C SER A 84 -4.65 -3.05 14.03
C SER A 84 -4.65 -3.05 14.03
C SER A 84 -4.64 -3.06 14.03
C SER A 84 -4.64 -3.06 14.03
N SER A 85 -5.96 -2.84 13.90
CA SER A 85 -6.65 -1.68 14.47
C SER A 85 -8.16 -2.00 14.51
N SER A 86 -8.86 -1.28 15.36
CA SER A 86 -10.32 -1.49 15.48
C SER A 86 -10.95 -0.26 16.09
N GLY A 87 -12.27 -0.13 15.94
CA GLY A 87 -13.00 0.98 16.54
C GLY A 87 -14.46 1.05 16.14
N ASP A 88 -14.95 2.28 16.08
CA ASP A 88 -16.35 2.55 15.69
C ASP A 88 -16.35 3.41 14.43
N VAL A 89 -17.49 3.93 14.00
CA VAL A 89 -17.61 4.45 12.63
C VAL A 89 -18.43 5.73 12.65
N TYR A 90 -18.01 6.73 11.89
CA TYR A 90 -18.73 7.97 11.58
C TYR A 90 -18.93 8.02 10.09
N THR A 91 -19.93 8.73 9.63
CA THR A 91 -19.95 9.21 8.25
C THR A 91 -19.57 10.67 8.25
N ASP A 92 -18.86 11.10 7.22
CA ASP A 92 -18.43 12.53 7.15
C ASP A 92 -18.07 12.82 5.71
N THR A 93 -17.80 14.09 5.43
CA THR A 93 -17.34 14.57 4.12
C THR A 93 -15.84 14.33 4.01
N VAL A 94 -15.41 13.67 2.95
CA VAL A 94 -13.97 13.35 2.74
C VAL A 94 -13.58 13.86 1.35
N SER A 95 -12.50 14.63 1.27
CA SER A 95 -11.98 15.17 0.00
C SER A 95 -10.54 14.74 -0.20
N VAL A 96 -10.23 14.34 -1.42
CA VAL A 96 -8.85 13.98 -1.83
C VAL A 96 -8.53 14.82 -3.04
N GLY A 97 -7.58 15.73 -2.96
CA GLY A 97 -7.09 16.43 -4.15
C GLY A 97 -8.20 17.15 -4.87
N GLY A 98 -9.18 17.74 -4.17
CA GLY A 98 -10.31 18.45 -4.81
C GLY A 98 -11.51 17.62 -5.14
N LEU A 99 -11.46 16.30 -4.97
CA LEU A 99 -12.62 15.41 -5.22
C LEU A 99 -13.30 15.11 -3.89
N THR A 100 -14.61 15.39 -3.77
CA THR A 100 -15.33 15.32 -2.49
C THR A 100 -16.39 14.23 -2.51
N VAL A 101 -16.39 13.38 -1.48
CA VAL A 101 -17.48 12.41 -1.24
C VAL A 101 -18.17 12.81 0.07
N THR A 102 -19.48 12.93 0.01
CA THR A 102 -20.32 13.10 1.23
C THR A 102 -20.78 11.74 1.74
N GLY A 103 -20.90 11.60 3.04
CA GLY A 103 -21.38 10.38 3.65
C GLY A 103 -20.38 9.24 3.54
N GLN A 104 -19.09 9.53 3.49
CA GLN A 104 -18.06 8.47 3.51
C GLN A 104 -17.96 7.87 4.91
N ALA A 105 -17.86 6.56 5.01
CA ALA A 105 -17.58 5.90 6.28
C ALA A 105 -16.12 6.20 6.65
N VAL A 106 -15.94 6.86 7.79
CA VAL A 106 -14.63 7.18 8.39
C VAL A 106 -14.53 6.34 9.65
N GLU A 107 -13.67 5.33 9.67
CA GLU A 107 -13.57 4.34 10.76
C GLU A 107 -12.62 4.92 11.77
N SER A 108 -13.12 5.24 12.94
CA SER A 108 -12.36 5.90 14.03
C SER A 108 -11.70 4.86 14.91
N ALA A 109 -10.36 4.85 15.03
CA ALA A 109 -9.68 3.84 15.81
C ALA A 109 -9.83 4.09 17.31
N LYS A 110 -10.28 3.04 18.00
CA LYS A 110 -10.15 3.02 19.47
C LYS A 110 -8.85 2.37 19.87
N LYS A 111 -8.40 1.39 19.12
CA LYS A 111 -7.16 0.63 19.39
C LYS A 111 -6.36 0.55 18.10
N VAL A 112 -5.03 0.65 18.23
CA VAL A 112 -4.08 0.35 17.14
C VAL A 112 -2.92 -0.47 17.68
N SER A 113 -2.36 -1.33 16.86
CA SER A 113 -1.17 -2.14 17.27
C SER A 113 0.07 -1.26 17.27
N SER A 114 1.08 -1.80 17.96
N SER A 114 1.08 -1.80 17.96
N SER A 114 1.16 -1.81 17.82
N SER A 114 1.16 -1.81 17.82
CA SER A 114 2.35 -1.10 18.29
CA SER A 114 2.35 -1.10 18.29
CA SER A 114 2.41 -1.04 18.05
CA SER A 114 2.41 -1.04 18.05
C SER A 114 2.97 -0.46 17.05
C SER A 114 2.97 -0.46 17.05
C SER A 114 3.05 -0.56 16.73
C SER A 114 3.05 -0.56 16.73
N SER A 115 2.95 -1.14 15.90
N SER A 115 2.95 -1.14 15.90
N SER A 115 2.95 -1.31 15.63
N SER A 115 2.95 -1.31 15.63
CA SER A 115 3.61 -0.65 14.65
CA SER A 115 3.61 -0.65 14.65
CA SER A 115 3.58 -0.90 14.34
CA SER A 115 3.58 -0.90 14.34
C SER A 115 2.95 0.67 14.23
C SER A 115 2.95 0.67 14.23
C SER A 115 2.93 0.40 13.83
C SER A 115 2.93 0.40 13.83
N PHE A 116 1.63 0.83 14.38
N PHE A 116 1.63 0.83 14.38
N PHE A 116 1.64 0.61 14.10
N PHE A 116 1.64 0.61 14.10
CA PHE A 116 0.94 2.09 14.03
CA PHE A 116 0.94 2.09 14.03
CA PHE A 116 0.93 1.86 13.73
CA PHE A 116 0.93 1.86 13.73
C PHE A 116 1.34 3.21 15.00
C PHE A 116 1.34 3.21 15.00
C PHE A 116 1.37 2.98 14.67
C PHE A 116 1.37 2.98 14.67
N THR A 117 1.32 2.96 16.31
N THR A 117 1.32 2.96 16.31
N THR A 117 1.40 2.72 15.98
N THR A 117 1.40 2.72 15.98
CA THR A 117 1.72 3.96 17.34
CA THR A 117 1.72 3.96 17.34
CA THR A 117 1.87 3.67 17.01
CA THR A 117 1.87 3.67 17.01
C THR A 117 3.13 4.45 17.06
C THR A 117 3.13 4.45 17.06
C THR A 117 3.28 4.18 16.68
C THR A 117 3.28 4.18 16.68
N GLU A 118 4.01 3.52 16.67
N GLU A 118 4.01 3.52 16.67
N GLU A 118 4.15 3.32 16.16
N GLU A 118 4.15 3.32 16.16
CA GLU A 118 5.46 3.77 16.53
CA GLU A 118 5.46 3.77 16.53
CA GLU A 118 5.57 3.65 15.91
CA GLU A 118 5.57 3.65 15.91
C GLU A 118 5.77 4.55 15.25
C GLU A 118 5.77 4.55 15.25
C GLU A 118 5.76 4.44 14.60
C GLU A 118 5.76 4.44 14.60
N ASP A 119 4.82 4.63 14.31
N ASP A 119 4.82 4.63 14.31
N ASP A 119 4.75 4.45 13.72
N ASP A 119 4.75 4.45 13.72
CA ASP A 119 5.01 5.38 13.04
CA ASP A 119 5.01 5.38 13.04
CA ASP A 119 4.76 5.21 12.43
CA ASP A 119 4.76 5.21 12.43
C ASP A 119 4.22 6.70 13.14
C ASP A 119 4.22 6.70 13.14
C ASP A 119 4.12 6.58 12.69
C ASP A 119 4.12 6.59 12.69
N SER A 120 4.88 7.79 13.53
N SER A 120 4.88 7.79 13.53
N SER A 120 4.85 7.52 13.28
N SER A 120 4.85 7.52 13.28
CA SER A 120 4.24 9.11 13.74
CA SER A 120 4.24 9.11 13.74
CA SER A 120 4.34 8.87 13.66
CA SER A 120 4.34 8.87 13.66
C SER A 120 3.77 9.72 12.41
C SER A 120 3.77 9.72 12.41
C SER A 120 3.86 9.65 12.44
C SER A 120 3.86 9.65 12.44
N THR A 121 4.21 9.18 11.27
N THR A 121 4.21 9.18 11.27
N THR A 121 4.29 9.29 11.23
N THR A 121 4.29 9.29 11.23
CA THR A 121 4.03 9.82 9.93
CA THR A 121 4.03 9.82 9.93
CA THR A 121 3.94 10.04 9.98
CA THR A 121 3.94 10.04 9.98
C THR A 121 2.69 9.39 9.30
C THR A 121 2.69 9.39 9.30
C THR A 121 2.63 9.52 9.35
C THR A 121 2.63 9.52 9.35
N ILE A 122 2.11 8.28 9.75
N ILE A 122 2.11 8.28 9.75
N ILE A 122 2.11 8.37 9.80
N ILE A 122 2.11 8.37 9.80
CA ILE A 122 0.88 7.72 9.10
CA ILE A 122 0.88 7.72 9.10
CA ILE A 122 0.90 7.78 9.16
CA ILE A 122 0.90 7.78 9.16
C ILE A 122 -0.30 7.91 10.05
C ILE A 122 -0.30 7.91 10.05
C ILE A 122 -0.29 8.01 10.11
C ILE A 122 -0.29 8.01 10.11
N ASP A 123 -1.28 8.73 9.65
N ASP A 123 -1.28 8.73 9.65
N ASP A 123 -1.27 8.80 9.65
N ASP A 123 -1.27 8.80 9.65
CA ASP A 123 -2.44 9.09 10.51
CA ASP A 123 -2.44 9.09 10.51
CA ASP A 123 -2.45 9.19 10.46
CA ASP A 123 -2.45 9.19 10.46
C ASP A 123 -3.59 8.11 10.28
C ASP A 123 -3.59 8.11 10.28
C ASP A 123 -3.60 8.19 10.26
C ASP A 123 -3.60 8.19 10.26
N GLY A 124 -3.44 7.17 9.35
N GLY A 124 -3.44 7.17 9.35
N GLY A 124 -3.43 7.20 9.38
N GLY A 124 -3.43 7.20 9.38
CA GLY A 124 -4.49 6.19 9.05
CA GLY A 124 -4.49 6.19 9.05
CA GLY A 124 -4.43 6.16 9.11
CA GLY A 124 -4.43 6.16 9.11
C GLY A 124 -4.32 5.65 7.65
C GLY A 124 -4.32 5.65 7.65
C GLY A 124 -4.27 5.63 7.70
C GLY A 124 -4.27 5.63 7.70
N LEU A 125 -5.26 4.82 7.23
N LEU A 125 -5.26 4.82 7.23
N LEU A 125 -5.20 4.79 7.24
N LEU A 125 -5.20 4.79 7.24
CA LEU A 125 -5.21 4.16 5.91
CA LEU A 125 -5.21 4.16 5.91
CA LEU A 125 -5.18 4.15 5.91
CA LEU A 125 -5.18 4.15 5.91
C LEU A 125 -6.45 4.58 5.12
C LEU A 125 -6.45 4.58 5.12
C LEU A 125 -6.43 4.57 5.15
C LEU A 125 -6.43 4.57 5.15
N LEU A 126 -6.30 4.64 3.80
N LEU A 126 -6.30 4.64 3.80
N LEU A 126 -6.31 4.69 3.83
N LEU A 126 -6.31 4.69 3.83
CA LEU A 126 -7.44 4.81 2.90
CA LEU A 126 -7.44 4.81 2.90
CA LEU A 126 -7.47 4.84 2.92
CA LEU A 126 -7.47 4.84 2.92
C LEU A 126 -7.43 3.64 1.94
C LEU A 126 -7.43 3.64 1.94
C LEU A 126 -7.44 3.67 1.95
C LEU A 126 -7.44 3.67 1.95
N GLY A 127 -8.36 2.70 2.15
CA GLY A 127 -8.39 1.47 1.33
C GLY A 127 -8.95 1.70 -0.04
N LEU A 128 -8.37 1.04 -1.05
CA LEU A 128 -8.72 1.19 -2.46
C LEU A 128 -8.79 -0.17 -3.13
N ALA A 129 -8.90 -1.26 -2.33
CA ALA A 129 -9.28 -2.58 -2.89
C ALA A 129 -10.82 -2.61 -3.02
N PHE A 130 -11.40 -3.77 -3.30
CA PHE A 130 -12.85 -3.84 -3.56
C PHE A 130 -13.59 -3.80 -2.23
N SER A 131 -14.82 -3.23 -2.28
CA SER A 131 -15.59 -2.97 -1.03
C SER A 131 -16.04 -4.28 -0.33
N THR A 132 -15.98 -5.39 -1.07
CA THR A 132 -16.28 -6.71 -0.47
C THR A 132 -15.32 -7.03 0.65
N LEU A 133 -14.11 -6.43 0.74
CA LEU A 133 -13.21 -6.66 1.89
C LEU A 133 -13.43 -5.71 3.08
N ASN A 134 -14.34 -4.76 2.99
CA ASN A 134 -14.49 -3.77 4.06
C ASN A 134 -14.92 -4.51 5.34
N THR A 135 -14.40 -4.15 6.47
CA THR A 135 -14.61 -4.92 7.72
C THR A 135 -15.77 -4.36 8.57
N VAL A 136 -16.42 -3.29 8.17
CA VAL A 136 -17.49 -2.68 9.02
C VAL A 136 -18.64 -3.69 9.20
N SER A 137 -19.04 -3.85 10.45
CA SER A 137 -20.17 -4.72 10.86
C SER A 137 -21.14 -3.92 11.69
N PRO A 138 -22.48 -4.21 11.58
CA PRO A 138 -23.08 -5.25 10.75
C PRO A 138 -23.41 -4.90 9.30
N THR A 139 -23.10 -3.66 8.88
CA THR A 139 -23.43 -3.13 7.55
C THR A 139 -22.08 -2.77 6.89
N GLN A 140 -21.68 -3.57 5.93
CA GLN A 140 -20.39 -3.31 5.26
C GLN A 140 -20.51 -1.97 4.54
N GLN A 141 -19.36 -1.25 4.52
CA GLN A 141 -19.29 0.13 3.92
C GLN A 141 -18.44 0.13 2.64
N LYS A 142 -18.68 1.14 1.85
CA LYS A 142 -17.99 1.33 0.55
C LYS A 142 -16.70 2.13 0.69
N THR A 143 -15.71 1.81 -0.13
CA THR A 143 -14.47 2.62 -0.24
C THR A 143 -14.77 4.00 -0.81
N PHE A 144 -13.81 4.89 -0.57
CA PHE A 144 -13.83 6.26 -1.13
C PHE A 144 -13.98 6.19 -2.64
N PHE A 145 -13.25 5.29 -3.32
CA PHE A 145 -13.34 5.17 -4.79
C PHE A 145 -14.72 4.68 -5.20
N ASP A 146 -15.26 3.70 -4.51
CA ASP A 146 -16.60 3.14 -4.86
C ASP A 146 -17.63 4.25 -4.71
N ASN A 147 -17.56 5.05 -3.63
CA ASN A 147 -18.52 6.15 -3.43
C ASN A 147 -18.32 7.22 -4.51
N ALA A 148 -17.11 7.54 -4.95
CA ALA A 148 -16.87 8.61 -5.92
C ALA A 148 -17.17 8.21 -7.36
N LYS A 149 -17.15 6.92 -7.69
N LYS A 149 -17.13 6.92 -7.65
N LYS A 149 -17.15 6.92 -7.69
N LYS A 149 -17.13 6.92 -7.65
CA LYS A 149 -16.88 6.47 -9.09
CA LYS A 149 -17.01 6.34 -9.02
CA LYS A 149 -16.88 6.47 -9.09
CA LYS A 149 -17.01 6.34 -9.02
C LYS A 149 -18.02 6.88 -10.06
C LYS A 149 -18.00 7.02 -9.97
C LYS A 149 -18.02 6.88 -10.06
C LYS A 149 -18.00 7.02 -9.97
N ALA A 150 -19.29 6.98 -9.62
CA ALA A 150 -20.36 7.41 -10.53
C ALA A 150 -20.17 8.88 -10.90
N SER A 151 -19.57 9.71 -10.03
CA SER A 151 -19.36 11.16 -10.25
C SER A 151 -18.12 11.44 -11.10
N LEU A 152 -17.20 10.49 -11.15
CA LEU A 152 -15.92 10.70 -11.86
C LEU A 152 -16.08 10.81 -13.37
N ASP A 153 -15.24 11.57 -14.01
CA ASP A 153 -15.28 11.68 -15.49
C ASP A 153 -15.10 10.30 -16.13
N SER A 154 -14.26 9.47 -15.55
N SER A 154 -14.19 9.49 -15.58
N SER A 154 -14.26 9.47 -15.55
N SER A 154 -14.19 9.49 -15.58
CA SER A 154 -13.94 8.08 -15.98
CA SER A 154 -13.96 8.08 -15.97
CA SER A 154 -13.94 8.08 -15.98
CA SER A 154 -13.96 8.08 -15.97
C SER A 154 -13.80 7.27 -14.69
C SER A 154 -13.77 7.27 -14.69
C SER A 154 -13.80 7.27 -14.69
C SER A 154 -13.77 7.27 -14.69
N PRO A 155 -14.29 6.02 -14.62
CA PRO A 155 -14.30 5.27 -13.37
C PRO A 155 -12.94 4.61 -13.08
N VAL A 156 -11.94 5.45 -12.85
CA VAL A 156 -10.53 5.00 -12.74
C VAL A 156 -9.83 5.80 -11.65
N PHE A 157 -8.77 5.21 -11.08
CA PHE A 157 -7.75 6.03 -10.37
C PHE A 157 -6.40 5.52 -10.80
N THR A 158 -5.37 6.35 -10.65
CA THR A 158 -4.00 5.98 -11.05
C THR A 158 -3.02 6.25 -9.93
N ALA A 159 -2.05 5.37 -9.85
CA ALA A 159 -0.94 5.44 -8.91
C ALA A 159 0.35 5.68 -9.66
N ASP A 160 1.05 6.75 -9.31
CA ASP A 160 2.31 7.14 -9.87
C ASP A 160 3.28 7.41 -8.74
N LEU A 161 3.80 6.35 -8.15
CA LEU A 161 4.66 6.46 -6.96
C LEU A 161 6.07 6.81 -7.41
N GLY A 162 6.71 7.69 -6.65
CA GLY A 162 8.09 8.11 -6.91
C GLY A 162 9.11 7.20 -6.24
N TYR A 163 10.29 7.13 -6.83
CA TYR A 163 11.51 6.56 -6.19
C TYR A 163 12.24 7.68 -5.46
N HIS A 164 12.22 7.59 -4.15
CA HIS A 164 12.86 8.59 -3.29
C HIS A 164 12.41 10.01 -3.67
N ALA A 165 11.11 10.19 -3.98
CA ALA A 165 10.58 11.45 -4.50
C ALA A 165 9.07 11.37 -4.41
N PRO A 166 8.38 12.53 -4.36
CA PRO A 166 6.93 12.52 -4.42
C PRO A 166 6.41 11.99 -5.75
N GLY A 167 5.12 11.62 -5.71
CA GLY A 167 4.35 11.09 -6.84
C GLY A 167 2.95 11.58 -6.73
N THR A 168 2.04 10.93 -7.43
CA THR A 168 0.67 11.42 -7.58
C THR A 168 -0.34 10.27 -7.55
N TYR A 169 -1.48 10.50 -6.91
CA TYR A 169 -2.71 9.73 -7.10
C TYR A 169 -3.69 10.64 -7.80
N ASN A 170 -4.21 10.14 -8.93
CA ASN A 170 -5.30 10.84 -9.67
C ASN A 170 -6.56 10.00 -9.64
N PHE A 171 -7.70 10.67 -9.58
CA PHE A 171 -9.03 10.03 -9.61
C PHE A 171 -9.82 10.61 -10.77
N GLY A 172 -10.32 9.74 -11.63
CA GLY A 172 -11.27 10.12 -12.67
C GLY A 172 -10.67 10.49 -13.99
N PHE A 173 -9.35 10.42 -14.17
CA PHE A 173 -8.72 10.76 -15.45
C PHE A 173 -7.35 10.12 -15.52
N ILE A 174 -6.87 9.93 -16.73
N ILE A 174 -6.92 9.86 -16.75
N ILE A 174 -6.87 9.93 -16.73
N ILE A 174 -6.92 9.86 -16.75
CA ILE A 174 -5.52 9.38 -16.99
CA ILE A 174 -5.53 9.44 -17.11
CA ILE A 174 -5.52 9.38 -16.99
CA ILE A 174 -5.53 9.44 -17.11
C ILE A 174 -4.67 10.52 -17.58
C ILE A 174 -4.74 10.67 -17.54
C ILE A 174 -4.67 10.52 -17.58
C ILE A 174 -4.74 10.67 -17.54
N ASP A 175 -3.63 10.93 -16.85
CA ASP A 175 -2.72 12.02 -17.24
C ASP A 175 -1.79 11.44 -18.30
N THR A 176 -2.04 11.76 -19.58
CA THR A 176 -1.26 11.18 -20.70
C THR A 176 0.13 11.77 -20.72
N THR A 177 0.47 12.77 -19.93
CA THR A 177 1.83 13.34 -19.81
C THR A 177 2.68 12.60 -18.80
N ALA A 178 2.08 11.68 -18.03
CA ALA A 178 2.76 11.11 -16.84
C ALA A 178 3.47 9.79 -17.17
N TYR A 179 3.41 9.29 -18.40
CA TYR A 179 4.05 7.99 -18.71
C TYR A 179 4.58 8.04 -20.12
N THR A 180 5.44 7.09 -20.46
CA THR A 180 6.04 6.94 -21.79
C THR A 180 5.34 5.81 -22.49
N GLY A 181 5.40 5.80 -23.83
CA GLY A 181 4.86 4.69 -24.62
C GLY A 181 3.36 4.56 -24.37
N SER A 182 2.87 3.33 -24.37
N SER A 182 2.87 3.32 -24.37
N SER A 182 2.87 3.33 -24.37
N SER A 182 2.87 3.32 -24.37
CA SER A 182 1.43 3.03 -24.21
CA SER A 182 1.44 2.98 -24.23
CA SER A 182 1.43 3.03 -24.21
CA SER A 182 1.44 2.98 -24.23
C SER A 182 1.15 2.28 -22.91
C SER A 182 1.16 2.31 -22.88
C SER A 182 1.15 2.28 -22.91
C SER A 182 1.16 2.31 -22.88
N ILE A 183 -0.11 2.31 -22.49
CA ILE A 183 -0.57 1.59 -21.29
C ILE A 183 -0.98 0.22 -21.78
N THR A 184 -0.43 -0.86 -21.21
CA THR A 184 -0.89 -2.24 -21.45
C THR A 184 -1.87 -2.67 -20.37
N TYR A 185 -3.08 -3.01 -20.74
CA TYR A 185 -4.10 -3.45 -19.83
C TYR A 185 -4.11 -4.96 -19.70
N THR A 186 -4.47 -5.44 -18.57
CA THR A 186 -4.46 -6.88 -18.23
C THR A 186 -5.66 -7.22 -17.35
N ALA A 187 -6.13 -8.44 -17.41
CA ALA A 187 -7.35 -8.88 -16.71
C ALA A 187 -7.18 -8.89 -15.19
N VAL A 188 -8.26 -8.64 -14.49
CA VAL A 188 -8.31 -8.65 -13.02
C VAL A 188 -9.31 -9.68 -12.58
N SER A 189 -9.01 -10.44 -11.54
CA SER A 189 -9.99 -11.22 -10.78
C SER A 189 -10.30 -10.45 -9.52
N THR A 190 -11.58 -10.26 -9.22
CA THR A 190 -12.04 -9.65 -7.96
C THR A 190 -12.49 -10.70 -6.93
N LYS A 191 -12.28 -11.97 -7.21
CA LYS A 191 -12.78 -13.10 -6.39
C LYS A 191 -12.24 -13.05 -4.96
N GLN A 192 -11.02 -12.55 -4.71
CA GLN A 192 -10.47 -12.41 -3.36
C GLN A 192 -10.57 -10.95 -2.84
N GLY A 193 -11.23 -10.06 -3.57
CA GLY A 193 -11.40 -8.65 -3.16
C GLY A 193 -10.21 -7.76 -3.53
N PHE A 194 -9.22 -8.28 -4.20
CA PHE A 194 -7.98 -7.56 -4.53
C PHE A 194 -7.94 -7.17 -6.01
N TRP A 195 -7.03 -6.27 -6.37
CA TRP A 195 -6.61 -6.02 -7.76
C TRP A 195 -5.65 -7.13 -8.17
N GLU A 196 -6.21 -8.32 -8.42
CA GLU A 196 -5.42 -9.57 -8.65
C GLU A 196 -5.28 -9.80 -10.13
N TRP A 197 -4.08 -10.05 -10.59
CA TRP A 197 -3.77 -10.14 -12.02
C TRP A 197 -2.67 -11.18 -12.22
N THR A 198 -2.34 -11.50 -13.47
CA THR A 198 -1.32 -12.53 -13.77
C THR A 198 -0.25 -11.91 -14.62
N SER A 199 0.95 -11.76 -14.06
CA SER A 199 2.14 -11.36 -14.82
C SER A 199 2.56 -12.49 -15.77
N THR A 200 3.09 -12.11 -16.89
CA THR A 200 3.52 -13.09 -17.91
C THR A 200 4.95 -13.56 -17.74
N GLY A 201 5.74 -13.04 -16.79
CA GLY A 201 7.05 -13.63 -16.53
C GLY A 201 8.04 -12.60 -16.01
N TYR A 202 9.32 -12.93 -16.05
CA TYR A 202 10.32 -12.06 -15.45
C TYR A 202 11.66 -12.23 -16.10
N ALA A 203 12.53 -11.25 -15.87
CA ALA A 203 13.97 -11.37 -16.20
C ALA A 203 14.76 -10.80 -15.05
N VAL A 204 15.98 -11.27 -14.89
CA VAL A 204 16.94 -10.75 -13.90
C VAL A 204 18.05 -10.01 -14.63
N GLY A 205 18.25 -8.74 -14.38
CA GLY A 205 19.26 -7.93 -15.06
C GLY A 205 19.10 -8.03 -16.56
N SER A 206 20.21 -8.29 -17.25
N SER A 206 20.21 -8.28 -17.25
N SER A 206 20.21 -8.29 -17.25
N SER A 206 20.21 -8.28 -17.25
CA SER A 206 20.24 -8.38 -18.73
CA SER A 206 20.25 -8.39 -18.74
CA SER A 206 20.24 -8.38 -18.73
CA SER A 206 20.25 -8.39 -18.74
C SER A 206 19.94 -9.81 -19.18
C SER A 206 19.98 -9.84 -19.18
C SER A 206 19.94 -9.81 -19.18
C SER A 206 19.98 -9.84 -19.18
N GLY A 207 19.51 -10.69 -18.27
CA GLY A 207 19.17 -12.09 -18.57
C GLY A 207 17.96 -12.25 -19.48
N THR A 208 17.81 -13.47 -20.01
CA THR A 208 16.68 -13.79 -20.91
C THR A 208 15.37 -13.78 -20.09
N PHE A 209 14.31 -13.37 -20.74
CA PHE A 209 12.97 -13.35 -20.13
C PHE A 209 12.42 -14.75 -20.03
N LYS A 210 11.97 -15.13 -18.86
CA LYS A 210 11.30 -16.41 -18.56
C LYS A 210 9.80 -16.21 -18.64
N SER A 211 9.15 -16.87 -19.59
CA SER A 211 7.69 -16.82 -19.75
C SER A 211 7.05 -17.76 -18.73
N THR A 212 6.33 -17.24 -17.75
CA THR A 212 5.71 -18.03 -16.70
C THR A 212 4.61 -17.18 -16.07
N SER A 213 3.48 -17.77 -15.79
CA SER A 213 2.33 -17.06 -15.17
C SER A 213 2.60 -16.83 -13.71
N ILE A 214 2.49 -15.59 -13.24
CA ILE A 214 2.66 -15.28 -11.79
C ILE A 214 1.43 -14.49 -11.36
N ASP A 215 0.49 -15.16 -10.67
N ASP A 215 0.54 -15.14 -10.64
N ASP A 215 0.49 -15.16 -10.67
N ASP A 215 0.54 -15.14 -10.64
CA ASP A 215 -0.73 -14.54 -10.11
CA ASP A 215 -0.70 -14.53 -10.12
CA ASP A 215 -0.73 -14.54 -10.11
CA ASP A 215 -0.70 -14.53 -10.12
C ASP A 215 -0.34 -13.70 -8.90
C ASP A 215 -0.33 -13.69 -8.89
C ASP A 215 -0.34 -13.70 -8.90
C ASP A 215 -0.33 -13.69 -8.89
N GLY A 216 -0.77 -12.44 -8.83
CA GLY A 216 -0.50 -11.65 -7.63
C GLY A 216 -1.37 -10.42 -7.58
N ILE A 217 -1.16 -9.62 -6.55
CA ILE A 217 -2.03 -8.42 -6.33
C ILE A 217 -1.22 -7.15 -6.50
N ALA A 218 -1.84 -6.12 -7.03
CA ALA A 218 -1.23 -4.77 -7.10
C ALA A 218 -1.58 -4.08 -5.80
N ASP A 219 -0.60 -3.88 -4.92
CA ASP A 219 -0.82 -3.44 -3.54
C ASP A 219 0.07 -2.27 -3.17
N THR A 220 -0.49 -1.06 -3.14
N THR A 220 -0.49 -1.06 -3.14
N THR A 220 -0.45 -1.06 -3.36
N THR A 220 -0.45 -1.06 -3.36
CA THR A 220 0.31 0.13 -2.78
CA THR A 220 0.31 0.13 -2.78
CA THR A 220 0.27 0.19 -3.03
CA THR A 220 0.27 0.19 -3.03
C THR A 220 0.66 0.15 -1.30
C THR A 220 0.66 0.15 -1.30
C THR A 220 0.58 0.25 -1.53
C THR A 220 0.58 0.25 -1.53
N GLY A 221 -0.05 -0.62 -0.47
N GLY A 221 -0.05 -0.62 -0.47
N GLY A 221 -0.16 -0.49 -0.69
N GLY A 221 -0.16 -0.49 -0.69
CA GLY A 221 0.13 -0.62 0.98
CA GLY A 221 0.13 -0.62 0.98
CA GLY A 221 0.05 -0.50 0.76
CA GLY A 221 0.05 -0.50 0.76
C GLY A 221 1.14 -1.65 1.45
C GLY A 221 1.14 -1.65 1.45
C GLY A 221 1.10 -1.49 1.24
C GLY A 221 1.10 -1.49 1.24
N THR A 222 1.79 -2.36 0.54
N THR A 222 1.79 -2.36 0.54
N THR A 222 1.69 -2.29 0.35
N THR A 222 1.69 -2.29 0.35
CA THR A 222 2.93 -3.25 0.87
CA THR A 222 2.93 -3.25 0.87
CA THR A 222 2.82 -3.19 0.72
CA THR A 222 2.82 -3.19 0.72
C THR A 222 4.20 -2.63 0.29
C THR A 222 4.20 -2.63 0.29
C THR A 222 4.10 -2.59 0.15
C THR A 222 4.10 -2.59 0.15
N THR A 223 5.27 -2.55 1.09
N THR A 223 5.27 -2.55 1.09
N THR A 223 5.18 -2.57 0.94
N THR A 223 5.18 -2.57 0.94
CA THR A 223 6.54 -1.90 0.69
CA THR A 223 6.54 -1.90 0.69
CA THR A 223 6.43 -1.88 0.53
CA THR A 223 6.43 -1.88 0.53
C THR A 223 7.24 -2.68 -0.44
C THR A 223 7.24 -2.68 -0.44
C THR A 223 7.18 -2.69 -0.52
C THR A 223 7.18 -2.69 -0.52
N LEU A 224 7.34 -3.99 -0.28
CA LEU A 224 8.25 -4.85 -1.08
C LEU A 224 7.54 -5.64 -2.16
N LEU A 225 8.32 -6.31 -2.99
CA LEU A 225 7.88 -7.21 -4.07
C LEU A 225 8.00 -8.63 -3.55
N TYR A 226 6.89 -9.35 -3.36
CA TYR A 226 6.90 -10.72 -2.83
C TYR A 226 6.54 -11.67 -3.95
N LEU A 227 7.42 -12.60 -4.28
CA LEU A 227 7.26 -13.47 -5.46
C LEU A 227 7.60 -14.91 -5.09
N PRO A 228 7.28 -15.89 -5.96
CA PRO A 228 7.57 -17.27 -5.58
C PRO A 228 9.05 -17.51 -5.31
N ALA A 229 9.34 -18.49 -4.45
CA ALA A 229 10.69 -18.73 -3.99
C ALA A 229 11.63 -19.03 -5.16
N THR A 230 11.19 -19.71 -6.20
CA THR A 230 12.02 -20.03 -7.39
C THR A 230 12.51 -18.71 -8.04
N VAL A 231 11.60 -17.76 -8.19
CA VAL A 231 11.93 -16.46 -8.87
C VAL A 231 12.89 -15.67 -8.00
N VAL A 232 12.63 -15.62 -6.71
CA VAL A 232 13.42 -14.82 -5.78
C VAL A 232 14.82 -15.41 -5.68
N SER A 233 14.97 -16.75 -5.62
CA SER A 233 16.30 -17.42 -5.59
C SER A 233 17.06 -17.03 -6.86
N ALA A 234 16.43 -17.10 -8.02
CA ALA A 234 17.06 -16.71 -9.30
C ALA A 234 17.58 -15.28 -9.26
N TYR A 235 16.82 -14.37 -8.66
CA TYR A 235 17.28 -12.95 -8.59
C TYR A 235 18.51 -12.85 -7.70
N TRP A 236 18.46 -13.36 -6.47
CA TRP A 236 19.53 -13.12 -5.46
C TRP A 236 20.79 -13.96 -5.77
N ALA A 237 20.65 -14.98 -6.60
CA ALA A 237 21.83 -15.77 -7.06
C ALA A 237 22.73 -14.86 -7.91
N GLN A 238 22.22 -13.74 -8.44
CA GLN A 238 23.05 -12.84 -9.28
C GLN A 238 23.74 -11.81 -8.42
N VAL A 239 23.65 -11.84 -7.10
CA VAL A 239 24.24 -10.85 -6.18
C VAL A 239 25.22 -11.60 -5.32
N SER A 240 26.52 -11.31 -5.48
N SER A 240 26.52 -11.32 -5.48
N SER A 240 26.52 -11.31 -5.48
N SER A 240 26.52 -11.32 -5.48
CA SER A 240 27.59 -11.96 -4.68
CA SER A 240 27.58 -12.00 -4.71
CA SER A 240 27.59 -11.96 -4.68
CA SER A 240 27.58 -12.00 -4.71
C SER A 240 27.33 -11.75 -3.20
C SER A 240 27.34 -11.76 -3.22
C SER A 240 27.33 -11.75 -3.20
C SER A 240 27.34 -11.76 -3.22
N GLY A 241 27.33 -12.83 -2.43
CA GLY A 241 27.18 -12.74 -0.98
C GLY A 241 25.74 -12.61 -0.51
N ALA A 242 24.75 -12.59 -1.39
CA ALA A 242 23.35 -12.53 -0.94
C ALA A 242 22.95 -13.87 -0.35
N LYS A 243 22.09 -13.83 0.65
CA LYS A 243 21.63 -15.06 1.32
C LYS A 243 20.28 -14.79 1.94
N SER A 244 19.51 -15.87 2.14
CA SER A 244 18.27 -15.81 2.93
C SER A 244 18.66 -16.01 4.41
N SER A 245 18.33 -15.05 5.25
CA SER A 245 18.60 -15.06 6.69
C SER A 245 17.28 -15.30 7.45
N SER A 246 17.17 -16.45 8.12
N SER A 246 17.18 -16.46 8.10
N SER A 246 17.17 -16.45 8.12
N SER A 246 17.18 -16.46 8.10
CA SER A 246 16.02 -16.79 9.00
CA SER A 246 16.07 -16.82 9.01
CA SER A 246 16.02 -16.79 9.00
CA SER A 246 16.07 -16.82 9.01
C SER A 246 15.99 -15.80 10.18
C SER A 246 16.00 -15.81 10.16
C SER A 246 15.99 -15.80 10.18
C SER A 246 16.00 -15.81 10.16
N SER A 247 17.15 -15.40 10.69
CA SER A 247 17.23 -14.47 11.84
C SER A 247 16.76 -13.07 11.45
N VAL A 248 17.09 -12.60 10.27
CA VAL A 248 16.65 -11.25 9.86
C VAL A 248 15.23 -11.30 9.29
N GLY A 249 14.86 -12.42 8.67
CA GLY A 249 13.52 -12.62 8.08
C GLY A 249 13.44 -12.32 6.58
N GLY A 250 14.49 -12.61 5.86
CA GLY A 250 14.45 -12.59 4.39
C GLY A 250 15.84 -12.51 3.83
N TYR A 251 15.89 -12.26 2.53
CA TYR A 251 17.16 -12.09 1.80
C TYR A 251 17.81 -10.79 2.22
N VAL A 252 19.11 -10.92 2.48
CA VAL A 252 20.04 -9.81 2.77
C VAL A 252 21.20 -9.89 1.81
N PHE A 253 21.90 -8.80 1.65
CA PHE A 253 23.00 -8.71 0.67
C PHE A 253 24.04 -7.72 1.17
N PRO A 254 25.29 -7.83 0.71
CA PRO A 254 26.30 -6.87 1.12
C PRO A 254 25.92 -5.49 0.67
N CYS A 255 25.97 -4.51 1.57
CA CYS A 255 25.61 -3.13 1.21
C CYS A 255 26.55 -2.57 0.12
N SER A 256 27.72 -3.15 -0.05
CA SER A 256 28.68 -2.71 -1.10
C SER A 256 28.25 -3.19 -2.48
N ALA A 257 27.22 -4.02 -2.64
CA ALA A 257 26.80 -4.56 -3.95
C ALA A 257 26.16 -3.49 -4.81
N THR A 258 26.26 -3.68 -6.11
CA THR A 258 25.44 -3.01 -7.13
C THR A 258 24.40 -4.05 -7.56
N LEU A 259 23.11 -3.79 -7.35
CA LEU A 259 22.04 -4.78 -7.61
C LEU A 259 21.64 -4.76 -9.07
N PRO A 260 21.31 -5.91 -9.64
CA PRO A 260 20.72 -5.98 -10.97
C PRO A 260 19.26 -5.53 -10.98
N SER A 261 18.84 -5.08 -12.13
CA SER A 261 17.42 -4.81 -12.34
C SER A 261 16.57 -6.08 -12.28
N PHE A 262 15.26 -5.90 -12.19
CA PHE A 262 14.27 -6.98 -12.26
C PHE A 262 13.18 -6.53 -13.21
N THR A 263 12.88 -7.36 -14.20
CA THR A 263 11.80 -7.05 -15.15
C THR A 263 10.62 -7.96 -14.91
N PHE A 264 9.39 -7.44 -14.93
CA PHE A 264 8.17 -8.26 -14.91
C PHE A 264 7.32 -7.99 -16.15
N GLY A 265 6.63 -9.04 -16.60
CA GLY A 265 5.79 -8.94 -17.79
C GLY A 265 4.37 -8.53 -17.46
N VAL A 266 3.83 -7.66 -18.35
CA VAL A 266 2.40 -7.29 -18.39
C VAL A 266 1.95 -7.57 -19.80
N GLY A 267 1.27 -8.69 -20.00
CA GLY A 267 1.02 -9.10 -21.40
C GLY A 267 2.34 -9.19 -22.12
N SER A 268 2.42 -8.67 -23.34
N SER A 268 2.40 -8.63 -23.33
N SER A 268 2.42 -8.67 -23.34
N SER A 268 2.40 -8.63 -23.33
CA SER A 268 3.66 -8.64 -24.14
CA SER A 268 3.62 -8.59 -24.18
CA SER A 268 3.66 -8.64 -24.14
CA SER A 268 3.62 -8.59 -24.18
C SER A 268 4.57 -7.48 -23.73
C SER A 268 4.58 -7.49 -23.72
C SER A 268 4.57 -7.48 -23.73
C SER A 268 4.58 -7.49 -23.72
N ALA A 269 4.15 -6.61 -22.79
CA ALA A 269 4.97 -5.48 -22.34
C ALA A 269 5.88 -5.88 -21.16
N ARG A 270 6.78 -4.99 -20.84
CA ARG A 270 7.80 -5.27 -19.81
C ARG A 270 7.96 -4.01 -18.97
N ILE A 271 7.98 -4.17 -17.67
CA ILE A 271 8.30 -3.11 -16.68
C ILE A 271 9.62 -3.45 -16.06
N VAL A 272 10.55 -2.51 -16.10
CA VAL A 272 11.91 -2.72 -15.54
C VAL A 272 12.04 -1.97 -14.22
N ILE A 273 12.32 -2.72 -13.15
CA ILE A 273 12.61 -2.16 -11.82
C ILE A 273 14.10 -1.97 -11.73
N PRO A 274 14.65 -0.74 -11.70
CA PRO A 274 16.10 -0.57 -11.55
C PRO A 274 16.59 -1.25 -10.29
N GLY A 275 17.87 -1.68 -10.32
CA GLY A 275 18.49 -2.31 -9.15
C GLY A 275 18.39 -1.48 -7.89
N ASP A 276 18.60 -0.17 -7.99
N ASP A 276 18.57 -0.16 -7.94
N ASP A 276 18.60 -0.17 -7.99
N ASP A 276 18.57 -0.16 -7.94
CA ASP A 276 18.63 0.69 -6.79
CA ASP A 276 18.65 0.62 -6.69
CA ASP A 276 18.63 0.69 -6.79
CA ASP A 276 18.65 0.62 -6.69
C ASP A 276 17.28 0.62 -6.05
C ASP A 276 17.24 0.75 -6.06
C ASP A 276 17.28 0.62 -6.05
C ASP A 276 17.24 0.75 -6.06
N TYR A 277 16.19 0.35 -6.78
CA TYR A 277 14.84 0.30 -6.16
C TYR A 277 14.76 -0.86 -5.15
N ILE A 278 15.65 -1.87 -5.30
CA ILE A 278 15.60 -3.15 -4.56
C ILE A 278 16.45 -3.04 -3.30
N ASP A 279 17.14 -1.93 -3.07
CA ASP A 279 17.98 -1.73 -1.85
C ASP A 279 17.16 -1.05 -0.74
N PHE A 280 16.95 -1.78 0.36
CA PHE A 280 16.25 -1.24 1.55
C PHE A 280 17.21 -0.97 2.71
N GLY A 281 18.49 -0.88 2.43
CA GLY A 281 19.44 -0.29 3.37
C GLY A 281 19.83 -1.26 4.49
N PRO A 282 20.67 -0.76 5.42
CA PRO A 282 21.21 -1.60 6.48
C PRO A 282 20.13 -2.30 7.30
N ILE A 283 20.35 -3.53 7.72
CA ILE A 283 19.32 -4.29 8.48
C ILE A 283 19.17 -3.63 9.86
N SER A 284 20.21 -3.03 10.38
CA SER A 284 20.25 -2.24 11.61
C SER A 284 21.23 -1.12 11.42
N THR A 285 21.05 -0.05 12.18
CA THR A 285 21.87 1.11 11.94
C THR A 285 23.37 0.75 11.96
N GLY A 286 24.15 1.13 10.96
CA GLY A 286 25.59 0.92 10.88
C GLY A 286 26.01 -0.44 10.33
N SER A 287 25.05 -1.33 10.09
CA SER A 287 25.38 -2.67 9.54
C SER A 287 25.83 -2.57 8.08
N SER A 288 26.70 -3.44 7.68
CA SER A 288 27.04 -3.59 6.24
C SER A 288 26.23 -4.67 5.54
N SER A 289 25.24 -5.27 6.23
N SER A 289 25.24 -5.27 6.23
N SER A 289 25.24 -5.27 6.23
N SER A 289 25.24 -5.27 6.23
CA SER A 289 24.24 -6.17 5.63
CA SER A 289 24.25 -6.19 5.64
CA SER A 289 24.24 -6.17 5.63
CA SER A 289 24.25 -6.19 5.64
C SER A 289 22.99 -5.36 5.31
C SER A 289 22.98 -5.38 5.32
C SER A 289 22.99 -5.36 5.31
C SER A 289 22.98 -5.38 5.32
N CYS A 290 22.53 -5.44 4.07
CA CYS A 290 21.41 -4.62 3.59
C CYS A 290 20.21 -5.53 3.32
N PHE A 291 19.02 -4.99 3.49
CA PHE A 291 17.78 -5.79 3.33
C PHE A 291 17.28 -5.70 1.88
N GLY A 292 16.94 -6.85 1.30
CA GLY A 292 16.45 -6.88 -0.09
C GLY A 292 15.03 -6.46 -0.28
N GLY A 293 14.78 -5.85 -1.43
CA GLY A 293 13.41 -5.41 -1.79
C GLY A 293 12.57 -6.42 -2.54
N ILE A 294 13.16 -7.55 -2.91
CA ILE A 294 12.45 -8.69 -3.49
C ILE A 294 12.56 -9.81 -2.47
N GLN A 295 11.45 -10.39 -2.05
CA GLN A 295 11.39 -11.40 -0.99
C GLN A 295 10.44 -12.51 -1.42
N SER A 296 10.57 -13.66 -0.79
CA SER A 296 9.69 -14.80 -1.07
C SER A 296 8.29 -14.56 -0.54
N SER A 297 7.31 -14.96 -1.33
CA SER A 297 5.91 -15.00 -0.88
C SER A 297 5.52 -16.34 -0.27
N ALA A 298 6.47 -17.26 -0.11
N ALA A 298 6.46 -17.28 -0.17
N ALA A 298 6.47 -17.26 -0.11
N ALA A 298 6.46 -17.28 -0.17
CA ALA A 298 6.17 -18.57 0.51
CA ALA A 298 6.10 -18.68 0.18
CA ALA A 298 6.17 -18.57 0.51
CA ALA A 298 6.10 -18.68 0.18
C ALA A 298 5.71 -18.37 1.95
C ALA A 298 5.28 -18.74 1.47
C ALA A 298 5.71 -18.37 1.95
C ALA A 298 5.28 -18.74 1.47
N GLY A 299 4.52 -18.86 2.27
N GLY A 299 5.52 -17.85 2.46
N GLY A 299 4.52 -18.86 2.27
N GLY A 299 5.52 -17.85 2.46
CA GLY A 299 3.90 -18.74 3.60
CA GLY A 299 4.86 -17.84 3.78
CA GLY A 299 3.90 -18.74 3.60
CA GLY A 299 4.86 -17.84 3.78
C GLY A 299 2.93 -17.57 3.65
C GLY A 299 3.59 -17.00 3.82
C GLY A 299 2.93 -17.57 3.65
C GLY A 299 3.59 -17.00 3.82
N ILE A 300 2.99 -16.65 2.68
N ILE A 300 3.16 -16.42 2.69
N ILE A 300 2.99 -16.65 2.68
N ILE A 300 3.16 -16.42 2.69
CA ILE A 300 2.03 -15.50 2.62
CA ILE A 300 2.01 -15.47 2.59
CA ILE A 300 2.03 -15.50 2.62
CA ILE A 300 2.01 -15.47 2.59
C ILE A 300 0.77 -15.98 1.91
C ILE A 300 0.75 -16.14 2.04
C ILE A 300 0.77 -15.98 1.91
C ILE A 300 0.75 -16.14 2.04
N GLY A 301 0.89 -16.96 1.00
CA GLY A 301 -0.26 -17.52 0.28
C GLY A 301 -0.68 -16.70 -0.92
N ILE A 302 0.00 -15.58 -1.23
CA ILE A 302 -0.27 -14.80 -2.45
C ILE A 302 1.02 -14.03 -2.81
N ASN A 303 1.20 -13.80 -4.10
CA ASN A 303 2.29 -12.92 -4.57
C ASN A 303 1.82 -11.47 -4.47
N ILE A 304 2.73 -10.57 -4.10
CA ILE A 304 2.33 -9.15 -3.88
C ILE A 304 3.24 -8.25 -4.67
N PHE A 305 2.70 -7.59 -5.67
CA PHE A 305 3.36 -6.50 -6.40
C PHE A 305 3.16 -5.23 -5.58
N GLY A 306 4.06 -5.02 -4.62
CA GLY A 306 4.06 -3.85 -3.75
C GLY A 306 4.81 -2.68 -4.35
N ASP A 307 5.11 -1.71 -3.50
CA ASP A 307 5.63 -0.43 -4.01
C ASP A 307 6.91 -0.61 -4.84
N VAL A 308 7.80 -1.53 -4.48
CA VAL A 308 9.06 -1.76 -5.26
C VAL A 308 8.71 -1.95 -6.73
N ALA A 309 7.69 -2.72 -7.04
CA ALA A 309 7.25 -2.97 -8.42
C ALA A 309 6.44 -1.79 -8.93
N LEU A 310 5.43 -1.34 -8.18
CA LEU A 310 4.49 -0.34 -8.72
C LEU A 310 5.17 1.00 -9.00
N LYS A 311 6.18 1.38 -8.20
N LYS A 311 6.19 1.40 -8.22
N LYS A 311 6.18 1.38 -8.20
N LYS A 311 6.19 1.40 -8.22
CA LYS A 311 6.87 2.69 -8.35
CA LYS A 311 6.82 2.73 -8.40
CA LYS A 311 6.87 2.69 -8.35
CA LYS A 311 6.82 2.73 -8.40
C LYS A 311 7.67 2.75 -9.66
C LYS A 311 7.68 2.75 -9.68
C LYS A 311 7.67 2.75 -9.66
C LYS A 311 7.68 2.75 -9.68
N ALA A 312 7.94 1.60 -10.29
CA ALA A 312 8.59 1.56 -11.60
C ALA A 312 7.59 1.80 -12.75
N ALA A 313 6.31 1.97 -12.46
CA ALA A 313 5.28 2.09 -13.52
C ALA A 313 4.32 3.21 -13.20
N PHE A 314 3.58 3.63 -14.22
CA PHE A 314 2.31 4.35 -14.08
C PHE A 314 1.20 3.32 -14.10
N VAL A 315 0.41 3.24 -13.07
CA VAL A 315 -0.52 2.12 -12.88
C VAL A 315 -1.96 2.66 -12.91
N VAL A 316 -2.79 2.08 -13.77
CA VAL A 316 -4.22 2.40 -13.89
C VAL A 316 -5.05 1.33 -13.22
N PHE A 317 -5.85 1.74 -12.24
CA PHE A 317 -6.83 0.90 -11.53
C PHE A 317 -8.18 1.23 -12.16
N ASN A 318 -8.56 0.43 -13.14
CA ASN A 318 -9.77 0.66 -13.99
C ASN A 318 -10.96 -0.01 -13.32
N GLY A 319 -11.86 0.80 -12.74
CA GLY A 319 -13.04 0.32 -12.03
C GLY A 319 -14.29 0.28 -12.92
N ALA A 320 -14.15 0.08 -14.20
CA ALA A 320 -15.29 -0.20 -15.11
C ALA A 320 -16.00 -1.47 -14.64
N THR A 321 -17.18 -1.71 -15.25
CA THR A 321 -18.05 -2.85 -14.87
C THR A 321 -17.24 -4.15 -14.79
N THR A 322 -16.37 -4.37 -15.76
CA THR A 322 -15.30 -5.40 -15.66
C THR A 322 -13.97 -4.72 -15.35
N PRO A 323 -13.50 -4.77 -14.08
CA PRO A 323 -12.25 -4.06 -13.78
C PRO A 323 -11.06 -4.64 -14.54
N THR A 324 -10.08 -3.77 -14.81
CA THR A 324 -8.79 -4.18 -15.39
C THR A 324 -7.68 -3.33 -14.74
N LEU A 325 -6.42 -3.77 -14.90
N LEU A 325 -6.43 -3.65 -15.08
N LEU A 325 -6.42 -3.77 -14.90
N LEU A 325 -6.43 -3.65 -15.08
CA LEU A 325 -5.24 -2.98 -14.51
CA LEU A 325 -5.23 -3.01 -14.49
CA LEU A 325 -5.24 -2.98 -14.51
CA LEU A 325 -5.23 -3.01 -14.49
C LEU A 325 -4.52 -2.54 -15.77
C LEU A 325 -4.29 -2.64 -15.65
C LEU A 325 -4.52 -2.54 -15.77
C LEU A 325 -4.29 -2.64 -15.65
N GLY A 326 -3.93 -1.36 -15.75
CA GLY A 326 -3.05 -0.88 -16.80
C GLY A 326 -1.65 -0.60 -16.26
N PHE A 327 -0.60 -0.91 -16.99
CA PHE A 327 0.79 -0.54 -16.64
C PHE A 327 1.45 0.14 -17.78
N ALA A 328 2.14 1.23 -17.54
CA ALA A 328 3.00 1.92 -18.51
C ALA A 328 4.36 2.11 -17.86
N SER A 329 5.39 2.16 -18.67
CA SER A 329 6.70 2.70 -18.25
C SER A 329 6.60 4.22 -18.08
N LYS A 330 7.58 4.82 -17.39
CA LYS A 330 7.56 6.27 -17.16
C LYS A 330 8.98 6.81 -16.99
N1 WQY B . -1.19 -7.78 3.72
N1 WQY B . -1.19 -7.78 3.72
C4 WQY B . -3.01 -9.50 1.07
C4 WQY B . -3.01 -9.50 1.07
C5 WQY B . -2.62 -10.77 1.19
C5 WQY B . -2.62 -10.77 1.19
C6 WQY B . -1.69 -11.11 2.21
C6 WQY B . -1.70 -11.11 2.21
C7 WQY B . -1.24 -10.14 3.01
C7 WQY B . -1.24 -10.14 3.01
C8 WQY B . -1.64 -8.79 2.89
C8 WQY B . -1.64 -8.79 2.89
N WQY B . -2.05 -3.80 1.63
N WQY B . -2.05 -3.80 1.63
C WQY B . -2.88 -4.60 2.53
C WQY B . -2.88 -4.60 2.53
C1 WQY B . -2.50 -6.08 2.58
C1 WQY B . -2.50 -6.08 2.58
C9 WQY B . -1.56 -6.53 3.59
C9 WQY B . -1.56 -6.53 3.59
C3 WQY B . -2.59 -8.44 1.84
C3 WQY B . -2.59 -8.44 1.84
C2 WQY B . -2.95 -7.06 1.77
C2 WQY B . -2.95 -7.06 1.77
N1 WQY C . 0.66 -2.51 8.16
N1 WQY C . 0.66 -2.51 8.16
C4 WQY C . 1.60 0.99 7.62
C4 WQY C . 1.60 0.99 7.62
C5 WQY C . 2.27 1.31 8.74
C5 WQY C . 2.27 1.31 8.74
C6 WQY C . 2.44 0.36 9.80
C6 WQY C . 2.44 0.36 9.80
C7 WQY C . 1.91 -0.88 9.60
C7 WQY C . 1.91 -0.88 9.60
C8 WQY C . 1.19 -1.26 8.39
C8 WQY C . 1.19 -1.26 8.39
N WQY C . -0.25 -3.58 4.12
N WQY C . -0.25 -3.58 4.12
C WQY C . -0.91 -2.41 4.80
C WQY C . -0.91 -2.41 4.80
C1 WQY C . -0.20 -1.93 5.94
C1 WQY C . -0.20 -1.93 5.94
C9 WQY C . 0.01 -2.84 7.06
C9 WQY C . 0.01 -2.84 7.06
C3 WQY C . 1.04 -0.27 7.33
C3 WQY C . 1.04 -0.27 7.33
C2 WQY C . 0.32 -0.71 6.14
C2 WQY C . 0.32 -0.71 6.14
#